data_7Z6U
#
_entry.id   7Z6U
#
_cell.length_a   97.797
_cell.length_b   97.797
_cell.length_c   80.067
_cell.angle_alpha   90.000
_cell.angle_beta   90.000
_cell.angle_gamma   120.000
#
_symmetry.space_group_name_H-M   'P 65'
#
loop_
_entity.id
_entity.type
_entity.pdbx_description
1 polymer 'Isoform 1 of Serine/threonine-protein kinase pim-1'
2 polymer Pimtide
3 non-polymer GLYCEROL
4 non-polymer '4-[(~{E})-(6-azanyl-2-oxidanylidene-1~{H}-indol-3-ylidene)methyl]benzoic acid'
5 water water
#
loop_
_entity_poly.entity_id
_entity_poly.type
_entity_poly.pdbx_seq_one_letter_code
_entity_poly.pdbx_strand_id
1 'polypeptide(L)'
;MLLSKINSLAHLRAAPCNDLHATKLAPGKEKEPLESQYQVGPLLGSGGFGSVYSGIRVSDNLPVAIKHVEKDRISDWGEL
PNGTRVPMEVVLLKKVSSGFSGVIRLLDWFERPDSFVLILERPEPVQDLFDFITERGALQEELARSFFWQVLEAVRHCHN
CGVLHRDIKDENILIDLNRGELKLIDFGSGALLKDTVYTDFDGTRVYSPPEWIRYHRYHGRSAAVWSLGILLYDMVCGDI
PFEHDEEIIGGQVFFRQRVS(SEP)ECQHLIRWCLALRPSDRPTFEEIQNHPWMQDVLLPQETAEIHLHSLSPGPSK
;
A
2 'polypeptide(L)' ARKRRRHPSGPPTA D
#
# COMPACT_ATOMS: atom_id res chain seq x y z
N PRO A 33 28.02 13.98 -3.31
CA PRO A 33 27.08 14.93 -3.91
C PRO A 33 25.78 14.29 -4.37
N LEU A 34 24.70 15.06 -4.39
CA LEU A 34 23.38 14.55 -4.75
C LEU A 34 23.10 14.70 -6.25
N GLU A 35 23.34 15.89 -6.82
CA GLU A 35 23.09 16.08 -8.23
C GLU A 35 24.14 15.42 -9.12
N SER A 36 25.20 14.85 -8.54
CA SER A 36 26.26 14.20 -9.31
C SER A 36 26.06 12.71 -9.47
N GLN A 37 25.36 12.05 -8.54
CA GLN A 37 25.15 10.61 -8.61
C GLN A 37 23.95 10.20 -9.46
N TYR A 38 22.98 11.08 -9.69
CA TYR A 38 21.76 10.71 -10.37
C TYR A 38 21.45 11.69 -11.49
N GLN A 39 21.02 11.13 -12.64
CA GLN A 39 20.36 11.92 -13.66
C GLN A 39 18.89 12.04 -13.29
N VAL A 40 18.42 13.27 -13.10
CA VAL A 40 17.09 13.55 -12.58
C VAL A 40 16.16 13.83 -13.75
N GLY A 41 15.10 13.03 -13.85
CA GLY A 41 14.11 13.21 -14.90
C GLY A 41 12.89 13.95 -14.43
N PRO A 42 11.73 13.58 -14.96
CA PRO A 42 10.49 14.31 -14.71
C PRO A 42 9.75 13.83 -13.46
N LEU A 43 8.76 14.61 -13.06
CA LEU A 43 7.92 14.25 -11.92
C LEU A 43 7.15 12.96 -12.19
N LEU A 44 6.95 12.17 -11.14
CA LEU A 44 6.25 10.90 -11.21
C LEU A 44 4.89 11.00 -10.54
N GLY A 45 3.93 10.22 -11.04
CA GLY A 45 2.73 9.90 -10.31
C GLY A 45 1.54 10.80 -10.57
N SER A 46 0.44 10.44 -9.92
CA SER A 46 -0.80 11.21 -9.92
C SER A 46 -1.38 11.25 -8.51
N GLY A 48 -0.45 15.01 -7.09
CA GLY A 48 -0.86 15.93 -6.04
C GLY A 48 0.28 16.74 -5.42
N PHE A 49 0.16 17.01 -4.12
CA PHE A 49 1.13 17.85 -3.42
C PHE A 49 2.38 17.08 -3.01
N GLY A 50 2.75 16.06 -3.78
CA GLY A 50 3.97 15.29 -3.53
C GLY A 50 5.03 15.48 -4.60
N SER A 51 6.29 15.23 -4.25
CA SER A 51 7.42 15.53 -5.14
C SER A 51 8.31 14.30 -5.30
N VAL A 52 8.00 13.46 -6.28
CA VAL A 52 8.79 12.27 -6.58
C VAL A 52 9.18 12.32 -8.04
N TYR A 53 10.49 12.24 -8.31
CA TYR A 53 11.04 12.39 -9.66
C TYR A 53 11.57 11.07 -10.17
N SER A 54 11.32 10.81 -11.45
CA SER A 54 12.01 9.74 -12.14
C SER A 54 13.49 10.06 -12.23
N GLY A 55 14.31 9.02 -12.18
CA GLY A 55 15.74 9.21 -12.15
C GLY A 55 16.43 7.95 -12.60
N ILE A 56 17.73 8.09 -12.88
CA ILE A 56 18.58 6.97 -13.23
C ILE A 56 19.89 7.16 -12.48
N ARG A 57 20.39 6.08 -11.88
CA ARG A 57 21.65 6.16 -11.15
C ARG A 57 22.81 6.09 -12.13
N VAL A 58 23.71 7.08 -12.07
CA VAL A 58 24.75 7.18 -13.09
C VAL A 58 25.70 5.99 -13.03
N SER A 59 25.96 5.45 -11.83
CA SER A 59 26.88 4.33 -11.69
C SER A 59 26.51 3.16 -12.61
N ASP A 60 25.21 2.84 -12.70
CA ASP A 60 24.83 1.65 -13.45
C ASP A 60 23.50 1.78 -14.22
N ASN A 61 23.01 2.99 -14.45
CA ASN A 61 21.72 3.21 -15.12
C ASN A 61 20.57 2.49 -14.42
N LEU A 62 20.67 2.29 -13.11
CA LEU A 62 19.55 1.72 -12.37
C LEU A 62 18.43 2.73 -12.34
N PRO A 63 17.22 2.40 -12.82
CA PRO A 63 16.09 3.31 -12.62
C PRO A 63 15.82 3.51 -11.14
N VAL A 64 15.63 4.77 -10.74
CA VAL A 64 15.36 5.13 -9.36
C VAL A 64 14.19 6.11 -9.31
N ALA A 65 13.53 6.17 -8.16
CA ALA A 65 12.58 7.21 -7.85
C ALA A 65 13.17 8.10 -6.75
N ILE A 66 13.12 9.41 -6.96
CA ILE A 66 13.78 10.37 -6.09
C ILE A 66 12.72 11.18 -5.37
N LYS A 67 12.56 10.91 -4.08
CA LYS A 67 11.45 11.42 -3.29
C LYS A 67 11.96 12.51 -2.34
N HIS A 68 11.38 13.69 -2.44
CA HIS A 68 11.75 14.83 -1.60
C HIS A 68 10.67 15.04 -0.56
N VAL A 69 11.10 15.15 0.70
CA VAL A 69 10.22 15.34 1.84
C VAL A 69 10.66 16.62 2.54
N GLU A 70 9.71 17.52 2.77
CA GLU A 70 10.02 18.78 3.46
C GLU A 70 10.05 18.55 4.97
N LYS A 71 11.14 18.99 5.61
CA LYS A 71 11.27 18.83 7.06
C LYS A 71 10.08 19.43 7.79
N ASP A 72 9.62 20.59 7.36
CA ASP A 72 8.52 21.27 8.04
C ASP A 72 7.22 20.49 7.95
N ARG A 73 7.11 19.53 7.05
CA ARG A 73 5.89 18.75 6.87
C ARG A 73 5.97 17.36 7.49
N ILE A 74 7.06 17.04 8.18
CA ILE A 74 7.26 15.67 8.67
C ILE A 74 6.45 15.46 9.93
N SER A 75 5.65 14.39 9.96
CA SER A 75 4.79 14.06 11.09
C SER A 75 5.60 13.51 12.26
N ASP A 76 6.11 12.28 12.12
CA ASP A 76 6.88 11.62 13.17
C ASP A 76 8.34 11.52 12.78
N TRP A 77 9.21 11.64 13.78
CA TRP A 77 10.65 11.56 13.61
C TRP A 77 11.19 10.31 14.30
N GLY A 78 12.26 9.75 13.74
CA GLY A 78 12.96 8.64 14.35
C GLY A 78 14.44 8.93 14.44
N GLU A 79 15.18 7.96 14.95
CA GLU A 79 16.62 8.10 15.12
C GLU A 79 17.30 6.82 14.67
N LEU A 80 18.54 6.97 14.20
CA LEU A 80 19.32 5.83 13.75
C LEU A 80 20.34 5.41 14.80
N THR A 84 21.47 10.08 14.78
CA THR A 84 21.06 10.78 13.56
C THR A 84 19.54 10.80 13.43
N ARG A 85 18.94 11.98 13.57
CA ARG A 85 17.49 12.13 13.59
C ARG A 85 16.96 12.25 12.17
N VAL A 86 16.07 11.33 11.80
CA VAL A 86 15.58 11.23 10.42
C VAL A 86 14.07 11.09 10.47
N PRO A 87 13.38 11.37 9.36
CA PRO A 87 11.94 11.09 9.32
C PRO A 87 11.69 9.62 9.58
N MET A 88 10.61 9.33 10.30
CA MET A 88 10.23 7.94 10.54
C MET A 88 10.17 7.13 9.25
N GLU A 89 9.79 7.77 8.14
CA GLU A 89 9.68 7.03 6.89
C GLU A 89 11.00 6.36 6.53
N VAL A 90 12.11 7.05 6.77
CA VAL A 90 13.43 6.47 6.49
C VAL A 90 13.69 5.28 7.39
N VAL A 91 13.34 5.40 8.69
CA VAL A 91 13.52 4.29 9.62
C VAL A 91 12.74 3.07 9.16
N LEU A 92 11.48 3.26 8.77
CA LEU A 92 10.65 2.14 8.36
C LEU A 92 11.18 1.50 7.07
N LEU A 93 11.57 2.33 6.10
CA LEU A 93 12.07 1.80 4.84
C LEU A 93 13.33 0.99 5.04
N LYS A 94 14.23 1.45 5.94
CA LYS A 94 15.44 0.68 6.23
C LYS A 94 15.09 -0.67 6.83
N LYS A 95 14.06 -0.71 7.68
CA LYS A 95 13.72 -1.99 8.31
C LYS A 95 13.17 -2.99 7.31
N VAL A 96 12.50 -2.55 6.25
CA VAL A 96 11.91 -3.51 5.32
C VAL A 96 12.77 -3.71 4.08
N SER A 97 13.95 -3.09 4.01
CA SER A 97 14.69 -3.02 2.76
C SER A 97 15.48 -4.29 2.44
N SER A 98 15.15 -5.44 3.00
CA SER A 98 15.80 -6.71 2.63
C SER A 98 15.87 -6.91 1.11
N PHE A 100 13.53 -9.33 -0.28
CA PHE A 100 12.14 -9.45 -0.68
C PHE A 100 11.71 -8.25 -1.51
N SER A 101 10.97 -8.52 -2.58
CA SER A 101 10.72 -7.51 -3.60
C SER A 101 9.27 -7.01 -3.61
N GLY A 102 8.45 -7.45 -2.64
CA GLY A 102 7.10 -6.92 -2.60
C GLY A 102 6.96 -5.56 -1.96
N VAL A 103 8.05 -5.02 -1.42
N VAL A 103 8.06 -5.01 -1.46
CA VAL A 103 8.04 -3.67 -0.83
CA VAL A 103 8.07 -3.70 -0.83
C VAL A 103 9.09 -2.84 -1.54
C VAL A 103 9.10 -2.84 -1.55
N ILE A 104 8.80 -1.54 -1.69
CA ILE A 104 9.75 -0.62 -2.31
C ILE A 104 11.06 -0.64 -1.52
N ARG A 105 12.17 -0.66 -2.25
CA ARG A 105 13.50 -0.71 -1.65
C ARG A 105 14.09 0.69 -1.59
N LEU A 106 14.52 1.09 -0.39
CA LEU A 106 15.27 2.33 -0.21
C LEU A 106 16.75 2.09 -0.48
N LEU A 107 17.30 2.80 -1.47
CA LEU A 107 18.70 2.58 -1.83
C LEU A 107 19.64 3.53 -1.10
N ASP A 108 19.17 4.70 -0.69
CA ASP A 108 20.03 5.73 -0.12
C ASP A 108 19.14 6.90 0.24
N TRP A 109 19.69 7.83 1.02
CA TRP A 109 19.00 9.07 1.35
C TRP A 109 20.03 10.12 1.71
N PHE A 110 19.65 11.38 1.50
CA PHE A 110 20.48 12.54 1.78
C PHE A 110 19.67 13.49 2.63
N GLU A 111 20.34 14.21 3.53
CA GLU A 111 19.71 15.32 4.23
C GLU A 111 20.12 16.63 3.58
N ARG A 112 19.20 17.58 3.55
CA ARG A 112 19.39 18.92 3.00
C ARG A 112 18.90 19.92 4.04
N PRO A 113 19.22 21.20 3.86
CA PRO A 113 18.72 22.21 4.80
C PRO A 113 17.24 22.11 5.17
N ASP A 114 16.34 22.05 4.19
CA ASP A 114 14.91 22.07 4.48
C ASP A 114 14.20 20.79 4.10
N SER A 115 14.93 19.74 3.74
CA SER A 115 14.30 18.54 3.23
C SER A 115 15.21 17.33 3.40
N PHE A 116 14.60 16.16 3.29
CA PHE A 116 15.31 14.91 3.06
C PHE A 116 14.98 14.42 1.64
N VAL A 117 15.94 13.71 1.04
CA VAL A 117 15.78 13.14 -0.28
C VAL A 117 15.94 11.63 -0.16
N LEU A 118 14.97 10.90 -0.69
CA LEU A 118 14.93 9.44 -0.59
C LEU A 118 15.13 8.84 -1.98
N ILE A 119 16.15 8.00 -2.12
CA ILE A 119 16.42 7.31 -3.38
C ILE A 119 15.79 5.92 -3.30
N LEU A 120 14.74 5.70 -4.07
CA LEU A 120 14.00 4.45 -4.07
C LEU A 120 14.26 3.71 -5.38
N GLU A 121 14.36 2.39 -5.30
CA GLU A 121 14.52 1.57 -6.49
C GLU A 121 13.21 1.53 -7.28
N ARG A 122 13.26 1.99 -8.53
CA ARG A 122 12.05 2.20 -9.34
C ARG A 122 11.84 1.08 -10.35
N PRO A 123 10.80 0.27 -10.20
CA PRO A 123 10.52 -0.73 -11.24
C PRO A 123 9.95 -0.07 -12.48
N GLU A 124 10.12 -0.76 -13.61
CA GLU A 124 9.55 -0.27 -14.85
C GLU A 124 9.47 -1.44 -15.82
N PRO A 125 8.44 -1.48 -16.69
CA PRO A 125 7.35 -0.49 -16.71
C PRO A 125 6.31 -0.77 -15.61
N VAL A 126 5.76 0.28 -15.01
CA VAL A 126 4.78 0.13 -13.94
C VAL A 126 3.55 0.99 -14.22
N GLN A 127 2.44 0.58 -13.60
CA GLN A 127 1.25 1.40 -13.42
C GLN A 127 0.77 1.16 -12.00
N ASP A 128 0.25 2.20 -11.35
CA ASP A 128 -0.23 1.91 -10.01
C ASP A 128 -1.60 1.22 -10.10
N LEU A 129 -1.96 0.52 -9.03
CA LEU A 129 -3.18 -0.28 -9.03
C LEU A 129 -4.42 0.60 -9.16
N PHE A 130 -4.39 1.84 -8.67
CA PHE A 130 -5.56 2.69 -8.82
C PHE A 130 -5.86 2.97 -10.29
N ASP A 131 -4.86 3.43 -11.07
CA ASP A 131 -5.09 3.65 -12.49
C ASP A 131 -5.43 2.36 -13.20
N PHE A 132 -4.81 1.26 -12.78
CA PHE A 132 -5.05 -0.03 -13.42
C PHE A 132 -6.52 -0.41 -13.28
N ILE A 133 -7.10 -0.21 -12.10
CA ILE A 133 -8.50 -0.56 -11.88
C ILE A 133 -9.42 0.44 -12.58
N THR A 134 -9.06 1.73 -12.53
CA THR A 134 -9.81 2.72 -13.30
C THR A 134 -9.94 2.30 -14.75
N GLU A 135 -8.82 1.95 -15.39
CA GLU A 135 -8.88 1.65 -16.82
C GLU A 135 -9.52 0.31 -17.11
N ARG A 136 -9.37 -0.68 -16.24
CA ARG A 136 -9.87 -1.98 -16.61
C ARG A 136 -11.18 -2.35 -15.93
N GLY A 137 -11.62 -1.56 -14.97
CA GLY A 137 -12.83 -1.93 -14.25
C GLY A 137 -12.56 -3.07 -13.28
N ALA A 138 -13.66 -3.65 -12.77
CA ALA A 138 -13.59 -4.79 -11.87
C ALA A 138 -12.67 -5.87 -12.43
N LEU A 139 -11.76 -6.36 -11.60
CA LEU A 139 -10.81 -7.37 -12.04
C LEU A 139 -11.45 -8.76 -11.93
N GLN A 140 -11.17 -9.62 -12.91
CA GLN A 140 -11.46 -11.05 -12.76
C GLN A 140 -10.84 -11.59 -11.47
N GLU A 141 -11.56 -12.50 -10.82
CA GLU A 141 -11.15 -12.97 -9.49
C GLU A 141 -9.79 -13.65 -9.52
N GLU A 142 -9.48 -14.37 -10.61
CA GLU A 142 -8.16 -14.96 -10.74
C GLU A 142 -7.08 -13.89 -10.63
N LEU A 143 -7.29 -12.74 -11.27
CA LEU A 143 -6.30 -11.67 -11.22
C LEU A 143 -6.29 -11.00 -9.85
N ALA A 144 -7.46 -10.74 -9.29
CA ALA A 144 -7.53 -10.13 -7.96
C ALA A 144 -6.91 -11.05 -6.92
N ARG A 145 -7.10 -12.37 -7.07
CA ARG A 145 -6.48 -13.32 -6.14
C ARG A 145 -4.97 -13.19 -6.18
N SER A 146 -4.39 -13.16 -7.39
CA SER A 146 -2.95 -13.06 -7.50
C SER A 146 -2.44 -11.77 -6.88
N PHE A 147 -3.08 -10.64 -7.23
CA PHE A 147 -2.72 -9.33 -6.68
C PHE A 147 -2.84 -9.31 -5.15
N PHE A 148 -4.01 -9.69 -4.64
CA PHE A 148 -4.26 -9.66 -3.20
C PHE A 148 -3.28 -10.53 -2.44
N TRP A 149 -2.99 -11.72 -2.97
CA TRP A 149 -2.00 -12.61 -2.36
C TRP A 149 -0.67 -11.89 -2.23
N GLN A 150 -0.20 -11.28 -3.32
CA GLN A 150 1.09 -10.60 -3.25
C GLN A 150 1.06 -9.44 -2.25
N VAL A 151 -0.08 -8.76 -2.12
CA VAL A 151 -0.17 -7.69 -1.12
C VAL A 151 -0.06 -8.29 0.28
N LEU A 152 -0.73 -9.43 0.51
CA LEU A 152 -0.60 -10.11 1.78
C LEU A 152 0.86 -10.47 2.09
N GLU A 153 1.58 -11.07 1.14
CA GLU A 153 2.96 -11.43 1.41
C GLU A 153 3.78 -10.20 1.75
N ALA A 154 3.53 -9.09 1.05
CA ALA A 154 4.27 -7.85 1.30
C ALA A 154 3.98 -7.29 2.69
N VAL A 155 2.71 -7.28 3.10
CA VAL A 155 2.35 -6.72 4.40
C VAL A 155 2.88 -7.62 5.52
N ARG A 156 2.79 -8.94 5.33
CA ARG A 156 3.42 -9.88 6.26
C ARG A 156 4.90 -9.56 6.41
N HIS A 157 5.57 -9.27 5.30
CA HIS A 157 6.99 -8.91 5.38
C HIS A 157 7.18 -7.66 6.24
N CYS A 158 6.33 -6.65 6.03
CA CYS A 158 6.43 -5.44 6.86
C CYS A 158 6.31 -5.78 8.33
N HIS A 159 5.27 -6.55 8.69
CA HIS A 159 5.01 -6.82 10.09
C HIS A 159 6.16 -7.63 10.71
N ASN A 160 6.67 -8.63 9.97
CA ASN A 160 7.82 -9.40 10.43
C ASN A 160 9.05 -8.52 10.65
N CYS A 161 9.13 -7.39 9.94
CA CYS A 161 10.21 -6.44 10.11
C CYS A 161 9.89 -5.35 11.13
N GLY A 162 8.76 -5.45 11.83
CA GLY A 162 8.44 -4.44 12.84
C GLY A 162 7.81 -3.16 12.30
N VAL A 163 7.23 -3.21 11.10
CA VAL A 163 6.74 -2.02 10.41
C VAL A 163 5.25 -2.18 10.13
N LEU A 164 4.48 -1.15 10.48
CA LEU A 164 3.06 -1.04 10.15
C LEU A 164 2.88 0.03 9.09
N HIS A 165 2.33 -0.35 7.93
CA HIS A 165 2.26 0.59 6.81
C HIS A 165 1.20 1.67 7.06
N ARG A 166 0.01 1.28 7.51
CA ARG A 166 -1.10 2.17 7.86
C ARG A 166 -1.72 2.93 6.68
N ASP A 167 -1.29 2.71 5.45
CA ASP A 167 -1.96 3.36 4.33
C ASP A 167 -2.07 2.39 3.15
N ILE A 168 -2.46 1.14 3.42
CA ILE A 168 -2.66 0.18 2.34
C ILE A 168 -3.85 0.64 1.50
N LYS A 169 -3.63 0.79 0.19
CA LYS A 169 -4.68 1.16 -0.76
C LYS A 169 -4.12 1.00 -2.18
N ASP A 170 -5.03 0.98 -3.16
CA ASP A 170 -4.58 0.75 -4.54
C ASP A 170 -3.61 1.83 -5.01
N GLU A 171 -3.77 3.07 -4.53
CA GLU A 171 -2.86 4.15 -4.91
C GLU A 171 -1.43 3.91 -4.40
N ASN A 172 -1.26 3.09 -3.38
CA ASN A 172 0.08 2.82 -2.83
C ASN A 172 0.61 1.46 -3.24
N ILE A 173 0.17 0.96 -4.40
CA ILE A 173 0.62 -0.32 -4.94
C ILE A 173 0.98 -0.14 -6.40
N LEU A 174 2.22 -0.48 -6.75
CA LEU A 174 2.69 -0.51 -8.14
C LEU A 174 2.63 -1.92 -8.70
N ILE A 175 2.31 -2.02 -9.98
CA ILE A 175 2.29 -3.29 -10.71
C ILE A 175 3.42 -3.25 -11.72
N ASP A 176 4.43 -4.11 -11.55
CA ASP A 176 5.43 -4.33 -12.60
C ASP A 176 4.74 -5.11 -13.72
N LEU A 177 4.41 -4.41 -14.80
CA LEU A 177 3.63 -4.98 -15.89
C LEU A 177 4.38 -6.08 -16.65
N ASN A 178 5.70 -6.12 -16.54
CA ASN A 178 6.43 -7.17 -17.25
C ASN A 178 6.60 -8.42 -16.40
N ARG A 179 6.92 -8.25 -15.11
CA ARG A 179 7.14 -9.40 -14.24
C ARG A 179 5.88 -9.86 -13.51
N GLY A 180 4.78 -9.09 -13.56
CA GLY A 180 3.59 -9.44 -12.82
C GLY A 180 3.72 -9.31 -11.31
N GLU A 181 4.65 -8.51 -10.82
CA GLU A 181 4.94 -8.36 -9.39
C GLU A 181 4.41 -7.03 -8.85
N LEU A 182 3.83 -7.08 -7.67
CA LEU A 182 3.31 -5.88 -7.03
C LEU A 182 4.30 -5.34 -6.01
N LYS A 183 4.32 -4.02 -5.86
CA LYS A 183 5.19 -3.36 -4.88
C LYS A 183 4.39 -2.39 -4.03
N LEU A 184 4.46 -2.57 -2.72
CA LEU A 184 3.88 -1.61 -1.76
C LEU A 184 4.78 -0.40 -1.62
N ILE A 185 4.22 0.81 -1.80
CA ILE A 185 5.02 2.02 -1.75
C ILE A 185 4.49 3.00 -0.70
N ASP A 186 5.19 4.12 -0.54
CA ASP A 186 4.87 5.24 0.31
C ASP A 186 4.61 4.82 1.76
N PHE A 187 5.68 4.65 2.51
CA PHE A 187 5.60 4.39 3.93
C PHE A 187 5.51 5.67 4.77
N GLY A 188 5.07 6.78 4.16
CA GLY A 188 5.04 8.07 4.82
C GLY A 188 4.00 8.23 5.92
N SER A 189 3.04 7.31 6.01
CA SER A 189 2.09 7.28 7.11
C SER A 189 2.35 6.14 8.08
N GLY A 190 3.41 5.35 7.89
CA GLY A 190 3.61 4.15 8.67
C GLY A 190 4.04 4.45 10.10
N ALA A 191 4.23 3.37 10.86
CA ALA A 191 4.72 3.41 12.24
C ALA A 191 5.43 2.12 12.57
N LEU A 192 6.27 2.16 13.60
CA LEU A 192 6.76 0.92 14.19
C LEU A 192 5.55 0.07 14.61
N LEU A 193 5.63 -1.23 14.35
CA LEU A 193 4.57 -2.13 14.77
C LEU A 193 4.61 -2.30 16.30
N LYS A 194 3.46 -2.14 16.96
CA LYS A 194 3.37 -2.43 18.39
C LYS A 194 2.08 -3.19 18.66
N ASP A 195 1.97 -3.77 19.85
CA ASP A 195 0.80 -4.54 20.24
C ASP A 195 -0.20 -3.73 21.04
N THR A 196 0.18 -2.53 21.50
CA THR A 196 -0.72 -1.67 22.25
C THR A 196 -1.50 -0.80 21.28
N VAL A 197 -2.39 0.03 21.83
CA VAL A 197 -3.37 0.78 21.04
C VAL A 197 -2.68 1.94 20.32
N TYR A 198 -3.08 2.20 19.09
CA TYR A 198 -2.72 3.42 18.39
C TYR A 198 -3.84 4.45 18.56
N THR A 199 -3.46 5.71 18.80
CA THR A 199 -4.41 6.81 18.92
C THR A 199 -4.14 7.94 17.93
N ASP A 200 -3.14 7.80 17.08
CA ASP A 200 -2.85 8.68 15.95
C ASP A 200 -3.06 7.93 14.65
N PHE A 201 -3.30 8.67 13.57
CA PHE A 201 -3.52 8.07 12.25
C PHE A 201 -3.35 9.14 11.17
N ASP A 202 -2.60 8.82 10.12
CA ASP A 202 -2.34 9.76 9.04
C ASP A 202 -2.61 9.15 7.65
N GLY A 203 -3.23 7.99 7.58
CA GLY A 203 -3.50 7.33 6.32
C GLY A 203 -4.77 7.83 5.66
N THR A 204 -5.41 6.95 4.90
CA THR A 204 -6.54 7.30 4.06
C THR A 204 -7.84 6.96 4.77
N ARG A 205 -8.68 7.97 5.00
CA ARG A 205 -9.84 7.79 5.88
C ARG A 205 -10.79 6.72 5.36
N VAL A 206 -11.00 6.66 4.04
CA VAL A 206 -11.96 5.72 3.48
C VAL A 206 -11.46 4.27 3.52
N TYR A 207 -10.18 4.04 3.90
CA TYR A 207 -9.65 2.70 4.15
C TYR A 207 -9.49 2.42 5.64
N SER A 208 -9.80 3.40 6.51
CA SER A 208 -9.60 3.26 7.95
C SER A 208 -10.80 2.52 8.58
N PRO A 209 -10.60 1.84 9.71
CA PRO A 209 -11.63 0.97 10.23
C PRO A 209 -12.62 1.74 11.07
N PRO A 210 -13.75 1.13 11.42
CA PRO A 210 -14.77 1.87 12.18
C PRO A 210 -14.35 2.23 13.59
N GLU A 211 -13.50 1.43 14.23
CA GLU A 211 -13.03 1.82 15.56
C GLU A 211 -12.22 3.10 15.51
N TRP A 212 -11.57 3.40 14.37
CA TRP A 212 -10.92 4.70 14.23
C TRP A 212 -11.95 5.81 14.06
N ILE A 213 -12.95 5.58 13.19
CA ILE A 213 -14.00 6.57 12.99
C ILE A 213 -14.69 6.90 14.31
N ARG A 214 -15.18 5.87 15.01
CA ARG A 214 -15.98 6.09 16.22
C ARG A 214 -15.13 6.61 17.37
N TYR A 215 -14.01 5.94 17.69
CA TYR A 215 -13.32 6.17 18.96
C TYR A 215 -11.91 6.71 18.83
N HIS A 216 -11.42 6.95 17.62
CA HIS A 216 -10.04 7.39 17.41
C HIS A 216 -9.03 6.47 18.10
N ARG A 217 -9.28 5.16 18.05
CA ARG A 217 -8.26 4.19 18.45
C ARG A 217 -8.40 2.94 17.58
N TYR A 218 -7.30 2.18 17.53
CA TYR A 218 -7.24 0.95 16.75
C TYR A 218 -5.96 0.20 17.13
N HIS A 219 -5.97 -1.10 16.89
CA HIS A 219 -4.76 -1.92 16.94
C HIS A 219 -4.29 -2.15 15.51
N GLY A 220 -2.98 -2.37 15.36
CA GLY A 220 -2.36 -2.26 14.04
C GLY A 220 -2.81 -3.33 13.07
N ARG A 221 -2.73 -4.59 13.50
CA ARG A 221 -3.00 -5.73 12.62
C ARG A 221 -4.46 -5.74 12.19
N SER A 222 -5.38 -5.59 13.15
CA SER A 222 -6.77 -5.63 12.78
C SER A 222 -7.17 -4.42 11.93
N ALA A 223 -6.54 -3.26 12.15
CA ALA A 223 -6.77 -2.14 11.24
C ALA A 223 -6.24 -2.44 9.85
N ALA A 224 -5.07 -3.06 9.77
CA ALA A 224 -4.51 -3.44 8.47
C ALA A 224 -5.45 -4.40 7.74
N VAL A 225 -6.01 -5.38 8.47
CA VAL A 225 -6.89 -6.34 7.83
C VAL A 225 -8.14 -5.65 7.28
N TRP A 226 -8.67 -4.66 8.02
CA TRP A 226 -9.80 -3.89 7.51
C TRP A 226 -9.46 -3.24 6.18
N SER A 227 -8.30 -2.56 6.11
CA SER A 227 -7.93 -1.89 4.86
C SER A 227 -7.74 -2.90 3.74
N LEU A 228 -7.31 -4.12 4.07
CA LEU A 228 -7.17 -5.16 3.07
C LEU A 228 -8.54 -5.60 2.54
N GLY A 229 -9.55 -5.61 3.41
CA GLY A 229 -10.92 -5.85 2.96
C GLY A 229 -11.42 -4.77 2.00
N ILE A 230 -11.20 -3.50 2.34
CA ILE A 230 -11.52 -2.40 1.42
C ILE A 230 -10.83 -2.64 0.09
N LEU A 231 -9.54 -3.02 0.15
CA LEU A 231 -8.74 -3.19 -1.07
C LEU A 231 -9.28 -4.33 -1.92
N LEU A 232 -9.66 -5.45 -1.29
CA LEU A 232 -10.15 -6.59 -2.04
C LEU A 232 -11.50 -6.26 -2.71
N TYR A 233 -12.41 -5.63 -1.96
CA TYR A 233 -13.65 -5.15 -2.58
C TYR A 233 -13.36 -4.27 -3.79
N ASP A 234 -12.44 -3.32 -3.60
CA ASP A 234 -12.03 -2.40 -4.66
C ASP A 234 -11.62 -3.16 -5.92
N MET A 235 -10.84 -4.22 -5.75
CA MET A 235 -10.35 -4.98 -6.89
C MET A 235 -11.47 -5.72 -7.61
N VAL A 236 -12.35 -6.41 -6.86
CA VAL A 236 -13.34 -7.23 -7.55
C VAL A 236 -14.61 -6.47 -7.92
N CYS A 237 -14.80 -5.25 -7.40
CA CYS A 237 -15.98 -4.46 -7.76
C CYS A 237 -15.65 -3.20 -8.56
N GLY A 238 -14.36 -2.82 -8.65
CA GLY A 238 -13.93 -1.70 -9.45
C GLY A 238 -13.89 -0.37 -8.70
N ASP A 239 -14.30 -0.35 -7.43
CA ASP A 239 -14.16 0.84 -6.59
C ASP A 239 -14.39 0.41 -5.15
N ILE A 240 -13.98 1.28 -4.23
CA ILE A 240 -14.04 0.99 -2.80
C ILE A 240 -15.51 0.96 -2.39
N PRO A 241 -15.87 0.25 -1.32
CA PRO A 241 -17.30 0.16 -0.97
C PRO A 241 -17.84 1.39 -0.27
N PHE A 242 -17.02 2.10 0.50
CA PHE A 242 -17.50 3.15 1.40
C PHE A 242 -16.84 4.47 1.03
N GLU A 243 -17.63 5.55 1.06
CA GLU A 243 -17.13 6.91 0.91
C GLU A 243 -17.35 7.80 2.12
N HIS A 244 -18.33 7.48 2.98
CA HIS A 244 -18.72 8.34 4.08
C HIS A 244 -18.57 7.60 5.40
N ASP A 245 -18.34 8.37 6.46
CA ASP A 245 -18.16 7.78 7.79
C ASP A 245 -19.30 6.83 8.13
N GLU A 246 -20.53 7.23 7.80
CA GLU A 246 -21.70 6.45 8.18
C GLU A 246 -21.66 5.06 7.53
N GLU A 247 -21.21 4.99 6.27
CA GLU A 247 -21.09 3.70 5.61
C GLU A 247 -20.00 2.87 6.29
N ILE A 248 -18.89 3.50 6.67
CA ILE A 248 -17.78 2.76 7.29
C ILE A 248 -18.24 2.09 8.58
N ILE A 249 -18.92 2.86 9.45
CA ILE A 249 -19.36 2.29 10.71
C ILE A 249 -20.64 1.49 10.58
N GLY A 250 -21.32 1.57 9.42
CA GLY A 250 -22.61 0.93 9.27
C GLY A 250 -22.54 -0.60 9.21
N GLY A 251 -21.41 -1.13 8.75
CA GLY A 251 -21.29 -2.58 8.70
C GLY A 251 -22.21 -3.31 7.74
N GLN A 252 -22.45 -2.73 6.56
CA GLN A 252 -23.20 -3.40 5.50
C GLN A 252 -22.40 -3.28 4.21
N VAL A 253 -22.20 -4.40 3.54
CA VAL A 253 -21.40 -4.48 2.33
C VAL A 253 -22.34 -4.90 1.20
N PHE A 254 -22.65 -3.97 0.30
CA PHE A 254 -23.42 -4.26 -0.90
C PHE A 254 -22.46 -4.53 -2.05
N PHE A 255 -22.69 -5.62 -2.77
CA PHE A 255 -21.85 -5.98 -3.92
C PHE A 255 -22.49 -5.48 -5.22
N ARG A 256 -21.76 -4.62 -5.91
CA ARG A 256 -22.23 -3.95 -7.12
C ARG A 256 -21.85 -4.71 -8.38
N GLN A 257 -21.00 -5.72 -8.26
CA GLN A 257 -20.62 -6.59 -9.34
C GLN A 257 -20.85 -8.03 -8.89
N ARG A 258 -20.98 -8.91 -9.88
CA ARG A 258 -20.95 -10.34 -9.63
C ARG A 258 -19.63 -10.72 -8.96
N VAL A 259 -19.71 -11.24 -7.73
CA VAL A 259 -18.56 -11.69 -6.95
C VAL A 259 -18.92 -13.04 -6.34
N SER A 260 -17.99 -13.99 -6.43
CA SER A 260 -18.23 -15.33 -5.93
C SER A 260 -18.55 -15.26 -4.43
N GLU A 262 -17.49 -17.20 -2.11
CA GLU A 262 -16.28 -17.36 -1.32
C GLU A 262 -15.57 -16.01 -1.16
N CYS A 263 -15.45 -15.25 -2.25
CA CYS A 263 -14.80 -13.95 -2.18
C CYS A 263 -15.60 -12.98 -1.32
N GLN A 264 -16.93 -12.93 -1.53
CA GLN A 264 -17.80 -12.11 -0.68
C GLN A 264 -17.58 -12.43 0.79
N HIS A 265 -17.49 -13.72 1.12
CA HIS A 265 -17.33 -14.11 2.51
C HIS A 265 -15.98 -13.63 3.07
N LEU A 266 -14.90 -13.79 2.30
CA LEU A 266 -13.61 -13.27 2.74
C LEU A 266 -13.68 -11.76 2.97
N ILE A 267 -14.28 -11.04 2.04
CA ILE A 267 -14.37 -9.59 2.16
C ILE A 267 -15.15 -9.22 3.41
N ARG A 268 -16.33 -9.83 3.59
CA ARG A 268 -17.15 -9.47 4.74
C ARG A 268 -16.43 -9.80 6.05
N TRP A 269 -15.65 -10.89 6.05
CA TRP A 269 -14.88 -11.25 7.24
C TRP A 269 -13.83 -10.18 7.55
N CYS A 270 -13.08 -9.74 6.54
CA CYS A 270 -12.11 -8.67 6.74
C CYS A 270 -12.78 -7.39 7.23
N LEU A 271 -14.03 -7.16 6.84
CA LEU A 271 -14.74 -5.95 7.24
C LEU A 271 -15.65 -6.17 8.44
N ALA A 272 -15.39 -7.20 9.25
CA ALA A 272 -16.11 -7.34 10.50
C ALA A 272 -15.99 -6.06 11.33
N LEU A 273 -17.13 -5.58 11.83
CA LEU A 273 -17.12 -4.34 12.60
C LEU A 273 -16.28 -4.48 13.87
N ARG A 274 -16.40 -5.59 14.59
CA ARG A 274 -15.59 -5.82 15.77
C ARG A 274 -14.19 -6.26 15.35
N PRO A 275 -13.13 -5.53 15.73
CA PRO A 275 -11.77 -5.91 15.30
C PRO A 275 -11.39 -7.36 15.57
N SER A 276 -11.74 -7.89 16.74
CA SER A 276 -11.31 -9.23 17.10
C SER A 276 -12.05 -10.29 16.29
N ASP A 277 -13.15 -9.92 15.62
CA ASP A 277 -13.82 -10.81 14.67
C ASP A 277 -13.11 -10.90 13.32
N ARG A 278 -12.11 -10.05 13.07
CA ARG A 278 -11.47 -10.08 11.76
C ARG A 278 -10.48 -11.24 11.69
N PRO A 279 -10.22 -11.74 10.48
CA PRO A 279 -9.23 -12.81 10.34
C PRO A 279 -7.83 -12.29 10.57
N THR A 280 -6.95 -13.21 11.01
CA THR A 280 -5.52 -13.01 10.95
C THR A 280 -5.04 -13.15 9.50
N PHE A 281 -3.76 -12.80 9.27
CA PHE A 281 -3.19 -12.99 7.94
C PHE A 281 -3.23 -14.46 7.54
N GLU A 282 -2.89 -15.34 8.50
CA GLU A 282 -2.90 -16.78 8.22
C GLU A 282 -4.29 -17.26 7.80
N GLU A 283 -5.33 -16.82 8.52
CA GLU A 283 -6.69 -17.19 8.14
C GLU A 283 -7.06 -16.63 6.77
N ILE A 284 -6.59 -15.43 6.43
CA ILE A 284 -6.85 -14.90 5.10
C ILE A 284 -6.24 -15.82 4.05
N GLN A 285 -4.97 -16.16 4.22
CA GLN A 285 -4.29 -16.94 3.18
C GLN A 285 -4.70 -18.41 3.18
N ASN A 286 -5.32 -18.90 4.26
CA ASN A 286 -5.93 -20.23 4.22
C ASN A 286 -7.38 -20.23 3.77
N HIS A 287 -7.99 -19.06 3.55
CA HIS A 287 -9.38 -19.01 3.10
C HIS A 287 -9.52 -19.77 1.78
N PRO A 288 -10.62 -20.51 1.57
CA PRO A 288 -10.77 -21.24 0.29
C PRO A 288 -10.69 -20.35 -0.94
N TRP A 289 -11.09 -19.08 -0.86
CA TRP A 289 -10.99 -18.21 -2.04
C TRP A 289 -9.55 -17.98 -2.46
N MET A 290 -8.60 -18.15 -1.55
CA MET A 290 -7.21 -17.80 -1.80
C MET A 290 -6.37 -18.94 -2.35
N GLN A 291 -6.95 -20.13 -2.52
CA GLN A 291 -6.16 -21.27 -2.96
C GLN A 291 -5.87 -21.23 -4.46
N ASP A 292 -4.76 -21.88 -4.83
CA ASP A 292 -4.35 -22.05 -6.23
C ASP A 292 -4.05 -20.71 -6.91
N VAL A 293 -3.31 -19.86 -6.19
CA VAL A 293 -2.93 -18.56 -6.72
C VAL A 293 -2.00 -18.74 -7.91
N LEU A 294 -2.07 -17.81 -8.86
CA LEU A 294 -1.09 -17.78 -9.93
C LEU A 294 0.26 -17.26 -9.44
N LEU A 295 1.32 -17.78 -10.05
CA LEU A 295 2.63 -17.19 -9.88
C LEU A 295 2.68 -15.79 -10.52
N PRO A 296 3.60 -14.94 -10.09
CA PRO A 296 3.70 -13.60 -10.72
C PRO A 296 3.86 -13.65 -12.24
N GLN A 297 4.76 -14.49 -12.74
CA GLN A 297 5.02 -14.56 -14.18
C GLN A 297 3.80 -15.06 -14.94
N GLU A 298 3.10 -16.08 -14.41
CA GLU A 298 1.82 -16.49 -14.98
C GLU A 298 0.85 -15.32 -15.02
N THR A 299 0.79 -14.55 -13.93
CA THR A 299 -0.12 -13.41 -13.87
C THR A 299 0.18 -12.42 -15.00
N ALA A 300 1.45 -12.12 -15.20
CA ALA A 300 1.84 -11.20 -16.26
C ALA A 300 1.49 -11.74 -17.63
N GLU A 301 1.76 -13.03 -17.88
CA GLU A 301 1.53 -13.59 -19.21
C GLU A 301 0.04 -13.67 -19.52
N ILE A 302 -0.78 -14.03 -18.53
CA ILE A 302 -2.20 -14.23 -18.76
C ILE A 302 -2.95 -12.90 -18.79
N HIS A 303 -2.60 -11.98 -17.89
CA HIS A 303 -3.42 -10.79 -17.65
C HIS A 303 -2.74 -9.47 -17.96
N LEU A 304 -1.41 -9.41 -18.07
CA LEU A 304 -0.76 -8.12 -18.29
C LEU A 304 -0.07 -8.00 -19.64
N HIS A 305 0.32 -9.09 -20.28
CA HIS A 305 0.99 -8.98 -21.58
C HIS A 305 -0.03 -8.82 -22.69
N ARG B 2 -20.56 5.65 -11.53
CA ARG B 2 -20.41 6.69 -10.51
C ARG B 2 -18.97 7.20 -10.46
N LYS B 3 -18.73 8.26 -9.69
CA LYS B 3 -17.44 8.94 -9.70
C LYS B 3 -16.45 8.20 -8.80
N ARG B 4 -15.50 7.50 -9.42
CA ARG B 4 -14.34 6.93 -8.72
C ARG B 4 -13.25 7.98 -8.62
N ARG B 5 -12.65 8.09 -7.44
CA ARG B 5 -11.68 9.15 -7.20
C ARG B 5 -10.60 8.65 -6.24
N ARG B 6 -9.43 9.30 -6.33
CA ARG B 6 -8.37 9.10 -5.35
C ARG B 6 -8.76 9.81 -4.05
N HIS B 7 -8.08 9.41 -2.96
CA HIS B 7 -8.30 10.02 -1.64
C HIS B 7 -6.95 10.29 -0.96
N PRO B 8 -6.53 11.54 -0.90
CA PRO B 8 -5.26 11.87 -0.24
C PRO B 8 -5.22 11.41 1.21
N SER B 9 -4.00 11.13 1.68
CA SER B 9 -3.74 10.75 3.06
C SER B 9 -3.64 12.00 3.93
N GLY B 10 -4.28 11.95 5.10
CA GLY B 10 -4.29 13.08 6.02
C GLY B 10 -5.68 13.44 6.53
#